data_7PSJ
#
_entry.id   7PSJ
#
_cell.length_a   83.393
_cell.length_b   44.117
_cell.length_c   136.708
_cell.angle_alpha   90.000
_cell.angle_beta   97.579
_cell.angle_gamma   90.000
#
_symmetry.space_group_name_H-M   'I 1 2 1'
#
loop_
_entity.id
_entity.type
_entity.pdbx_description
1 polymer Beta-glucuronidase
2 branched '2-acetamido-2-deoxy-alpha-D-glucopyranose-(1-4)-(2R,3S,5R,6R)-2,3,4,5,6-pentakis(oxidanyl)cyclohexane-1-carboxylic acid'
3 water water
#
_entity_poly.entity_id   1
_entity_poly.type   'polypeptide(L)'
_entity_poly.pdbx_seq_one_letter_code
;MAFARGGLAQTASQTTSSPVRVGLSVDASALGHTIPPDYTGLSYEQAQMANPNYFSGANTQLAGFLRTLGRQGVLRIGGN
TSEYTFWNRHAKPTAADEHLAAGPDKGHHAAAREVITPEAVNNLSEFLDKTGWKLIYGLNLGKGTPENAADEAAYVMETI
GADRLLAFQLGNEPDLFYRNGIRPASYDFAAYAGDWQRFFTAIRKRVPNAPFAGPDTAYNTKWLVPFADKFKHDVKFISS
HYYAEGPPTDPSMTIERLMKPNPRLLGETAGLKQVEADTGLPFRLTETNSCYQGGKQGVSDTFAAALWAGDLMYQQAAAG
STGINFHGGGYGWYTPVAGTPEDGFIARPEYYGMLLFAQAGAGQLLGAKLTDNSAAPLLTAYALRGTDGRTRIALFNKNL
DADVEVAISGVASPSGTVLRLEAPRADDTTDVTFGGAPVGASGSWSPLVQEYVPGHSGQFVLHMRKASGALLEFA
;
_entity_poly.pdbx_strand_id   A
#
loop_
_chem_comp.id
_chem_comp.type
_chem_comp.name
_chem_comp.formula
8I4 saccharide '(2R,3S,5R,6R)-2,3,4,5,6-pentakis(oxidanyl)cyclohexane-1-carboxylic acid' 'C7 H12 O7'
NDG D-saccharide, alpha linking 2-acetamido-2-deoxy-alpha-D-glucopyranose 'C8 H15 N O6'
#
# COMPACT_ATOMS: atom_id res chain seq x y z
N THR A 15 -12.46 -24.96 -14.96
CA THR A 15 -11.88 -24.92 -16.33
C THR A 15 -12.56 -23.81 -17.16
N THR A 16 -11.95 -23.49 -18.30
CA THR A 16 -12.33 -22.36 -19.18
C THR A 16 -12.43 -22.89 -20.61
N SER A 17 -13.18 -22.18 -21.47
CA SER A 17 -13.67 -22.65 -22.79
C SER A 17 -12.52 -22.74 -23.79
N SER A 18 -12.04 -21.58 -24.22
CA SER A 18 -10.99 -21.40 -25.27
C SER A 18 -9.84 -20.60 -24.68
N PRO A 19 -9.16 -21.10 -23.64
CA PRO A 19 -8.17 -20.28 -22.94
C PRO A 19 -6.89 -20.14 -23.74
N VAL A 20 -6.15 -19.05 -23.50
CA VAL A 20 -4.74 -18.89 -23.91
C VAL A 20 -3.91 -19.83 -23.04
N ARG A 21 -3.19 -20.74 -23.69
CA ARG A 21 -2.35 -21.77 -23.03
C ARG A 21 -0.97 -21.14 -22.83
N VAL A 22 -0.59 -20.91 -21.57
CA VAL A 22 0.69 -20.23 -21.22
C VAL A 22 1.47 -21.14 -20.28
N GLY A 23 2.78 -20.97 -20.29
CA GLY A 23 3.71 -21.69 -19.42
C GLY A 23 4.19 -20.77 -18.32
N LEU A 24 4.25 -21.28 -17.10
CA LEU A 24 4.87 -20.53 -15.99
C LEU A 24 5.95 -21.46 -15.44
N SER A 25 7.19 -21.00 -15.41
CA SER A 25 8.34 -21.77 -14.85
C SER A 25 8.85 -21.12 -13.55
N VAL A 26 8.75 -21.85 -12.44
CA VAL A 26 9.23 -21.35 -11.14
C VAL A 26 10.67 -21.81 -10.97
N ASP A 27 11.55 -20.90 -10.58
CA ASP A 27 12.99 -21.20 -10.36
C ASP A 27 13.34 -20.85 -8.92
N ALA A 28 13.43 -21.87 -8.07
CA ALA A 28 13.74 -21.73 -6.62
C ALA A 28 15.18 -21.23 -6.42
N SER A 29 15.99 -21.23 -7.49
CA SER A 29 17.40 -20.77 -7.48
C SER A 29 17.51 -19.30 -7.93
N ALA A 30 16.45 -18.72 -8.50
CA ALA A 30 16.43 -17.32 -8.98
C ALA A 30 15.88 -16.43 -7.86
N LEU A 31 16.74 -16.08 -6.90
CA LEU A 31 16.29 -15.42 -5.64
C LEU A 31 15.98 -13.96 -5.90
N GLY A 32 14.82 -13.51 -5.42
CA GLY A 32 14.48 -12.08 -5.47
C GLY A 32 14.56 -11.46 -4.09
N HIS A 33 13.82 -10.39 -3.86
CA HIS A 33 13.79 -9.71 -2.54
C HIS A 33 12.98 -10.51 -1.54
N THR A 34 13.33 -10.35 -0.26
CA THR A 34 12.58 -10.89 0.88
C THR A 34 11.51 -9.87 1.29
N ILE A 35 10.25 -10.27 1.30
CA ILE A 35 9.11 -9.38 1.63
C ILE A 35 9.14 -9.20 3.14
N PRO A 36 9.28 -7.96 3.67
CA PRO A 36 9.23 -7.77 5.12
C PRO A 36 7.84 -8.06 5.66
N PRO A 37 7.71 -8.46 6.95
CA PRO A 37 6.39 -8.73 7.51
C PRO A 37 5.51 -7.47 7.67
N ASP A 38 6.12 -6.29 7.67
CA ASP A 38 5.36 -5.03 7.83
C ASP A 38 5.24 -4.34 6.48
N TYR A 39 5.26 -5.11 5.41
CA TYR A 39 5.13 -4.54 4.04
C TYR A 39 3.77 -3.88 3.87
N THR A 40 2.68 -4.50 4.34
CA THR A 40 1.33 -3.97 4.01
C THR A 40 1.09 -2.67 4.76
N GLY A 41 0.10 -1.90 4.30
CA GLY A 41 -0.26 -0.72 5.05
C GLY A 41 -1.32 0.11 4.37
N LEU A 42 -1.72 1.14 5.08
CA LEU A 42 -2.79 2.05 4.63
C LEU A 42 -2.33 3.48 4.88
N SER A 43 -2.89 4.42 4.13
CA SER A 43 -2.63 5.87 4.31
C SER A 43 -3.99 6.54 4.55
N TYR A 44 -4.07 7.37 5.58
CA TYR A 44 -5.27 8.13 5.98
C TYR A 44 -4.94 9.61 6.15
N GLU A 45 -5.99 10.41 6.06
CA GLU A 45 -5.93 11.85 6.32
C GLU A 45 -5.68 12.13 7.81
N GLN A 46 -4.77 13.04 8.10
CA GLN A 46 -4.53 13.60 9.47
C GLN A 46 -5.87 14.12 10.03
N ALA A 47 -6.75 14.69 9.19
CA ALA A 47 -8.05 15.22 9.64
C ALA A 47 -8.86 14.14 10.37
N GLN A 48 -8.59 12.84 10.15
CA GLN A 48 -9.33 11.77 10.87
C GLN A 48 -9.12 11.93 12.38
N MET A 49 -7.95 12.45 12.77
N MET A 49 -7.99 12.44 12.82
CA MET A 49 -7.49 12.65 14.19
CA MET A 49 -7.73 12.49 14.28
C MET A 49 -8.30 13.76 14.89
C MET A 49 -8.50 13.63 14.95
N ALA A 50 -9.15 14.50 14.17
CA ALA A 50 -10.09 15.51 14.71
C ALA A 50 -11.18 14.82 15.52
N ASN A 51 -11.46 13.53 15.24
CA ASN A 51 -12.37 12.72 16.06
C ASN A 51 -11.55 11.65 16.77
N PRO A 52 -11.42 11.71 18.10
CA PRO A 52 -10.67 10.69 18.84
C PRO A 52 -11.31 9.29 18.87
N ASN A 53 -12.51 9.10 18.33
CA ASN A 53 -13.19 7.79 18.28
C ASN A 53 -12.75 7.03 17.00
N TYR A 54 -11.99 7.65 16.10
CA TYR A 54 -11.66 7.01 14.80
C TYR A 54 -10.51 6.04 15.01
N PHE A 55 -9.31 6.58 15.23
CA PHE A 55 -8.15 5.75 15.60
C PHE A 55 -8.21 5.58 17.12
N SER A 56 -8.96 4.60 17.55
CA SER A 56 -9.25 4.34 18.98
C SER A 56 -9.28 2.85 19.25
N GLY A 57 -8.92 2.47 20.48
CA GLY A 57 -9.15 1.12 21.02
C GLY A 57 -10.60 0.70 20.89
N ALA A 58 -11.54 1.65 20.92
CA ALA A 58 -13.00 1.40 20.83
C ALA A 58 -13.41 1.09 19.38
N ASN A 59 -12.62 1.49 18.37
CA ASN A 59 -12.94 1.20 16.95
C ASN A 59 -12.49 -0.24 16.63
N THR A 60 -13.19 -1.21 17.19
CA THR A 60 -12.86 -2.65 17.05
C THR A 60 -13.12 -3.10 15.61
N GLN A 61 -14.03 -2.44 14.88
CA GLN A 61 -14.35 -2.82 13.49
C GLN A 61 -13.14 -2.46 12.62
N LEU A 62 -12.67 -1.22 12.68
CA LEU A 62 -11.54 -0.82 11.80
C LEU A 62 -10.30 -1.62 12.20
N ALA A 63 -10.09 -1.87 13.50
CA ALA A 63 -8.93 -2.61 14.01
C ALA A 63 -8.95 -4.01 13.37
N GLY A 64 -10.14 -4.62 13.26
CA GLY A 64 -10.35 -5.92 12.64
C GLY A 64 -9.95 -5.91 11.18
N PHE A 65 -10.37 -4.90 10.43
CA PHE A 65 -9.99 -4.82 9.00
C PHE A 65 -8.48 -4.76 8.88
N LEU A 66 -7.79 -3.98 9.72
CA LEU A 66 -6.33 -3.87 9.54
C LEU A 66 -5.67 -5.21 9.90
N ARG A 67 -6.08 -5.85 10.99
CA ARG A 67 -5.46 -7.13 11.40
C ARG A 67 -5.52 -8.13 10.25
N THR A 68 -6.63 -8.14 9.52
CA THR A 68 -6.86 -9.13 8.44
C THR A 68 -5.88 -8.81 7.30
N LEU A 69 -5.54 -7.54 7.07
CA LEU A 69 -4.57 -7.16 6.02
C LEU A 69 -3.14 -7.55 6.40
N GLY A 70 -2.84 -7.73 7.68
CA GLY A 70 -1.51 -8.16 8.14
C GLY A 70 -1.36 -8.14 9.65
N ARG A 71 -0.69 -9.16 10.20
CA ARG A 71 -0.28 -9.22 11.62
C ARG A 71 0.67 -8.05 11.91
N GLN A 72 1.43 -7.63 10.89
CA GLN A 72 2.29 -6.44 10.93
C GLN A 72 1.98 -5.61 9.69
N GLY A 73 2.11 -4.31 9.84
CA GLY A 73 1.82 -3.36 8.77
C GLY A 73 2.08 -1.98 9.28
N VAL A 74 1.85 -1.00 8.45
CA VAL A 74 2.12 0.41 8.80
C VAL A 74 0.89 1.24 8.49
N LEU A 75 0.42 1.94 9.52
CA LEU A 75 -0.59 3.00 9.38
C LEU A 75 0.15 4.31 9.13
N ARG A 76 -0.06 4.93 7.96
CA ARG A 76 0.46 6.28 7.68
C ARG A 76 -0.68 7.28 7.78
N ILE A 77 -0.48 8.29 8.61
CA ILE A 77 -1.41 9.43 8.75
C ILE A 77 -0.72 10.65 8.20
N GLY A 78 -1.39 11.37 7.30
CA GLY A 78 -0.80 12.56 6.70
C GLY A 78 -1.75 13.19 5.73
N GLY A 79 -1.33 13.30 4.48
CA GLY A 79 -2.22 13.74 3.41
C GLY A 79 -2.39 15.23 3.39
N ASN A 80 -3.15 15.70 2.42
CA ASN A 80 -3.36 17.15 2.19
C ASN A 80 -3.95 17.79 3.45
N THR A 81 -4.70 17.06 4.26
CA THR A 81 -5.32 17.65 5.48
C THR A 81 -4.25 17.93 6.55
N SER A 82 -3.05 17.33 6.48
CA SER A 82 -1.96 17.71 7.40
C SER A 82 -1.50 19.16 7.14
N GLU A 83 -1.94 19.81 6.06
CA GLU A 83 -1.75 21.26 5.88
C GLU A 83 -2.57 22.04 6.92
N TYR A 84 -3.69 21.51 7.41
CA TYR A 84 -4.61 22.40 8.16
C TYR A 84 -5.14 21.74 9.40
N THR A 85 -4.42 20.74 9.90
CA THR A 85 -4.66 20.13 11.24
C THR A 85 -3.59 20.68 12.18
N PHE A 86 -4.03 21.12 13.35
CA PHE A 86 -3.24 21.90 14.33
C PHE A 86 -3.36 21.24 15.69
N TRP A 87 -2.25 20.70 16.14
CA TRP A 87 -2.09 20.16 17.50
C TRP A 87 -2.28 21.28 18.54
N ASN A 88 -2.98 20.96 19.62
CA ASN A 88 -3.11 21.85 20.80
C ASN A 88 -3.21 20.97 22.03
N ARG A 89 -2.54 21.34 23.10
CA ARG A 89 -2.54 20.53 24.35
C ARG A 89 -3.85 20.69 25.14
N HIS A 90 -4.79 21.52 24.69
CA HIS A 90 -6.15 21.62 25.30
C HIS A 90 -7.23 21.40 24.24
N ARG A 113 -9.86 24.22 8.99
CA ARG A 113 -9.02 24.04 10.21
C ARG A 113 -9.54 22.87 11.08
N GLU A 114 -8.67 21.94 11.45
CA GLU A 114 -8.99 20.79 12.33
C GLU A 114 -8.01 20.81 13.49
N VAL A 115 -8.44 20.33 14.67
CA VAL A 115 -7.61 20.35 15.90
C VAL A 115 -7.35 18.91 16.34
N ILE A 116 -6.10 18.62 16.67
CA ILE A 116 -5.65 17.34 17.29
C ILE A 116 -5.37 17.60 18.78
N THR A 117 -6.00 16.79 19.64
CA THR A 117 -5.91 16.88 21.11
C THR A 117 -5.03 15.75 21.64
N PRO A 118 -4.54 15.86 22.90
CA PRO A 118 -3.84 14.73 23.52
C PRO A 118 -4.70 13.45 23.52
N GLU A 119 -6.00 13.61 23.74
CA GLU A 119 -6.93 12.45 23.77
C GLU A 119 -6.86 11.70 22.42
N ALA A 120 -6.82 12.40 21.28
CA ALA A 120 -6.70 11.74 19.96
C ALA A 120 -5.41 10.91 19.92
N VAL A 121 -4.29 11.47 20.39
CA VAL A 121 -2.99 10.78 20.33
C VAL A 121 -3.05 9.59 21.28
N ASN A 122 -3.61 9.76 22.49
CA ASN A 122 -3.73 8.66 23.47
C ASN A 122 -4.51 7.50 22.82
N ASN A 123 -5.61 7.82 22.14
CA ASN A 123 -6.54 6.84 21.51
C ASN A 123 -5.81 6.12 20.37
N LEU A 124 -5.02 6.87 19.58
CA LEU A 124 -4.22 6.33 18.45
C LEU A 124 -3.27 5.27 19.03
N SER A 125 -2.63 5.56 20.17
CA SER A 125 -1.71 4.59 20.80
C SER A 125 -2.49 3.29 21.01
N GLU A 126 -3.70 3.35 21.57
CA GLU A 126 -4.53 2.16 21.89
C GLU A 126 -4.91 1.43 20.59
N PHE A 127 -5.18 2.17 19.51
CA PHE A 127 -5.50 1.59 18.20
C PHE A 127 -4.30 0.78 17.67
N LEU A 128 -3.10 1.35 17.71
CA LEU A 128 -1.86 0.68 17.26
C LEU A 128 -1.67 -0.56 18.13
N ASP A 129 -1.98 -0.48 19.43
CA ASP A 129 -1.83 -1.69 20.29
C ASP A 129 -2.79 -2.80 19.84
N LYS A 130 -4.00 -2.44 19.45
CA LYS A 130 -5.06 -3.42 19.06
C LYS A 130 -4.70 -4.03 17.71
N THR A 131 -4.09 -3.27 16.82
CA THR A 131 -3.80 -3.76 15.45
C THR A 131 -2.44 -4.44 15.38
N GLY A 132 -1.46 -4.06 16.22
CA GLY A 132 -0.05 -4.48 16.09
C GLY A 132 0.68 -3.77 14.94
N TRP A 133 0.11 -2.71 14.38
CA TRP A 133 0.76 -1.96 13.28
C TRP A 133 1.63 -0.81 13.84
N LYS A 134 2.51 -0.29 12.98
CA LYS A 134 3.50 0.76 13.30
C LYS A 134 2.94 2.03 12.64
N LEU A 135 3.52 3.18 12.98
CA LEU A 135 2.93 4.50 12.62
C LEU A 135 3.94 5.37 11.85
N ILE A 136 3.44 5.95 10.76
CA ILE A 136 4.07 7.10 10.13
C ILE A 136 3.14 8.27 10.37
N TYR A 137 3.66 9.35 10.97
CA TYR A 137 2.81 10.46 11.46
C TYR A 137 3.24 11.76 10.83
N GLY A 138 2.29 12.42 10.18
CA GLY A 138 2.54 13.69 9.49
C GLY A 138 2.55 14.86 10.44
N LEU A 139 3.51 15.77 10.29
CA LEU A 139 3.53 17.04 11.03
C LEU A 139 3.23 18.17 10.06
N ASN A 140 2.72 19.25 10.60
CA ASN A 140 2.21 20.40 9.80
C ASN A 140 3.33 21.37 9.48
N LEU A 141 4.04 21.12 8.38
CA LEU A 141 5.09 22.03 7.89
C LEU A 141 4.47 23.03 6.92
N GLY A 142 3.32 22.72 6.34
CA GLY A 142 2.70 23.63 5.35
C GLY A 142 2.24 24.92 6.00
N LYS A 143 1.52 24.84 7.13
CA LYS A 143 0.97 26.05 7.77
C LYS A 143 1.38 26.16 9.23
N GLY A 144 1.84 25.08 9.87
CA GLY A 144 2.17 25.12 11.30
C GLY A 144 3.55 25.72 11.59
N THR A 145 3.90 25.80 12.86
CA THR A 145 5.19 26.35 13.32
C THR A 145 6.12 25.19 13.61
N PRO A 146 7.44 25.43 13.54
CA PRO A 146 8.41 24.44 14.03
C PRO A 146 8.16 24.07 15.50
N GLU A 147 7.81 25.06 16.31
CA GLU A 147 7.64 24.84 17.78
C GLU A 147 6.40 23.96 18.01
N ASN A 148 5.30 24.21 17.32
CA ASN A 148 4.09 23.35 17.46
C ASN A 148 4.42 21.93 16.96
N ALA A 149 5.16 21.77 15.86
CA ALA A 149 5.57 20.44 15.36
C ALA A 149 6.39 19.72 16.44
N ALA A 150 7.31 20.41 17.11
CA ALA A 150 8.19 19.79 18.12
C ALA A 150 7.32 19.36 19.31
N ASP A 151 6.34 20.17 19.63
CA ASP A 151 5.45 19.91 20.79
C ASP A 151 4.59 18.67 20.48
N GLU A 152 4.03 18.61 19.28
CA GLU A 152 3.18 17.47 18.79
C GLU A 152 4.05 16.21 18.76
N ALA A 153 5.24 16.29 18.15
CA ALA A 153 6.20 15.16 18.07
C ALA A 153 6.52 14.66 19.48
N ALA A 154 6.79 15.55 20.43
CA ALA A 154 7.12 15.17 21.81
C ALA A 154 5.96 14.38 22.41
N TYR A 155 4.73 14.84 22.23
CA TYR A 155 3.54 14.15 22.79
C TYR A 155 3.37 12.78 22.12
N VAL A 156 3.60 12.70 20.81
CA VAL A 156 3.50 11.39 20.09
C VAL A 156 4.58 10.45 20.64
N MET A 157 5.81 10.90 20.77
CA MET A 157 6.91 10.04 21.28
C MET A 157 6.62 9.69 22.74
N GLU A 158 6.04 10.61 23.51
CA GLU A 158 5.70 10.33 24.94
C GLU A 158 4.72 9.14 25.03
N THR A 159 3.75 9.08 24.13
CA THR A 159 2.53 8.22 24.30
C THR A 159 2.61 7.03 23.35
N ILE A 160 2.99 7.22 22.09
CA ILE A 160 3.08 6.06 21.16
C ILE A 160 4.40 5.31 21.36
N GLY A 161 5.51 6.03 21.57
CA GLY A 161 6.82 5.43 21.90
C GLY A 161 7.63 5.05 20.65
N ALA A 162 8.91 4.82 20.82
CA ALA A 162 9.91 4.60 19.73
C ALA A 162 9.62 3.29 18.98
N ASP A 163 9.17 2.24 19.67
CA ASP A 163 8.95 0.90 19.07
C ASP A 163 7.84 0.98 18.00
N ARG A 164 6.78 1.73 18.26
CA ARG A 164 5.58 1.80 17.38
C ARG A 164 5.68 2.95 16.39
N LEU A 165 6.41 4.02 16.71
CA LEU A 165 6.56 5.16 15.77
C LEU A 165 7.73 4.83 14.83
N LEU A 166 7.42 4.69 13.57
CA LEU A 166 8.41 4.41 12.52
C LEU A 166 9.07 5.71 12.03
N ALA A 167 8.27 6.75 11.75
CA ALA A 167 8.78 8.03 11.23
C ALA A 167 7.74 9.13 11.38
N PHE A 168 8.23 10.33 11.64
CA PHE A 168 7.52 11.61 11.39
C PHE A 168 7.80 12.00 9.95
N GLN A 169 6.87 12.75 9.36
CA GLN A 169 7.10 13.32 8.02
C GLN A 169 6.77 14.80 8.13
N LEU A 170 7.56 15.65 7.45
CA LEU A 170 7.45 17.12 7.61
C LEU A 170 6.80 17.68 6.35
N GLY A 171 5.48 17.62 6.33
CA GLY A 171 4.69 18.05 5.17
C GLY A 171 4.36 16.86 4.26
N ASN A 172 3.26 16.96 3.56
CA ASN A 172 2.79 15.99 2.55
C ASN A 172 2.91 16.65 1.18
N GLU A 173 3.51 15.99 0.20
CA GLU A 173 3.62 16.53 -1.20
C GLU A 173 3.96 18.02 -1.19
N PRO A 174 5.11 18.39 -0.60
CA PRO A 174 5.53 19.78 -0.55
C PRO A 174 5.68 20.38 -1.95
N ASP A 175 5.93 19.54 -2.95
CA ASP A 175 6.12 20.00 -4.36
C ASP A 175 4.81 20.51 -4.93
N LEU A 176 3.67 20.22 -4.29
CA LEU A 176 2.33 20.72 -4.73
C LEU A 176 1.77 21.78 -3.78
N PHE A 177 2.51 22.19 -2.76
CA PHE A 177 2.03 23.25 -1.84
C PHE A 177 1.50 24.43 -2.66
N TYR A 178 2.22 24.85 -3.71
CA TYR A 178 1.76 25.93 -4.61
C TYR A 178 0.37 25.59 -5.16
N ARG A 179 0.23 24.43 -5.81
CA ARG A 179 -1.04 24.06 -6.51
C ARG A 179 -2.17 24.32 -5.51
N ASN A 180 -1.94 23.88 -4.26
CA ASN A 180 -2.97 23.77 -3.21
C ASN A 180 -3.08 25.05 -2.36
N GLY A 181 -2.46 26.19 -2.76
CA GLY A 181 -2.54 27.50 -2.07
C GLY A 181 -1.40 27.79 -1.06
N ILE A 182 -0.80 26.76 -0.48
CA ILE A 182 -0.04 26.73 0.82
C ILE A 182 1.33 27.44 0.75
N ARG A 183 1.97 27.49 -0.40
CA ARG A 183 3.21 28.27 -0.59
C ARG A 183 3.04 29.03 -1.90
N PRO A 184 3.84 30.09 -2.11
CA PRO A 184 3.82 30.81 -3.38
C PRO A 184 4.48 30.03 -4.52
N ALA A 185 4.27 30.51 -5.75
CA ALA A 185 4.73 29.89 -7.01
C ALA A 185 6.24 29.60 -6.92
N SER A 186 7.00 30.45 -6.26
CA SER A 186 8.48 30.43 -6.28
C SER A 186 9.02 29.34 -5.33
N TYR A 187 8.19 28.72 -4.51
CA TYR A 187 8.63 27.66 -3.55
C TYR A 187 9.27 26.53 -4.35
N ASP A 188 10.48 26.12 -3.97
CA ASP A 188 11.26 25.11 -4.72
C ASP A 188 11.99 24.23 -3.71
N PHE A 189 12.80 23.30 -4.17
CA PHE A 189 13.47 22.34 -3.26
C PHE A 189 14.31 23.08 -2.22
N ALA A 190 15.10 24.06 -2.64
CA ALA A 190 15.96 24.87 -1.73
C ALA A 190 15.10 25.46 -0.61
N ALA A 191 13.95 26.05 -0.92
CA ALA A 191 13.06 26.66 0.10
C ALA A 191 12.58 25.56 1.05
N TYR A 192 12.12 24.45 0.49
CA TYR A 192 11.59 23.31 1.28
C TYR A 192 12.71 22.80 2.17
N ALA A 193 13.93 22.69 1.66
CA ALA A 193 15.08 22.16 2.43
C ALA A 193 15.32 23.08 3.64
N GLY A 194 15.13 24.39 3.46
CA GLY A 194 15.23 25.35 4.56
C GLY A 194 14.16 25.10 5.60
N ASP A 195 12.90 24.93 5.17
CA ASP A 195 11.78 24.63 6.07
C ASP A 195 12.11 23.34 6.82
N TRP A 196 12.49 22.30 6.06
CA TRP A 196 12.70 20.95 6.64
C TRP A 196 13.72 21.04 7.76
N GLN A 197 14.83 21.76 7.47
CA GLN A 197 15.93 21.91 8.43
C GLN A 197 15.41 22.60 9.70
N ARG A 198 14.62 23.66 9.58
CA ARG A 198 14.09 24.44 10.72
C ARG A 198 13.20 23.52 11.58
N PHE A 199 12.34 22.73 10.93
CA PHE A 199 11.41 21.83 11.64
C PHE A 199 12.24 20.73 12.31
N PHE A 200 13.16 20.13 11.56
CA PHE A 200 13.99 19.00 12.05
C PHE A 200 14.71 19.41 13.35
N THR A 201 15.33 20.59 13.30
CA THR A 201 16.13 21.13 14.42
C THR A 201 15.22 21.36 15.63
N ALA A 202 14.10 22.03 15.46
CA ALA A 202 13.14 22.27 16.56
C ALA A 202 12.66 20.94 17.15
N ILE A 203 12.32 19.97 16.30
CA ILE A 203 11.79 18.67 16.82
C ILE A 203 12.88 17.91 17.60
N ARG A 204 14.08 17.83 17.07
CA ARG A 204 15.19 17.04 17.69
C ARG A 204 15.59 17.68 19.04
N LYS A 205 15.39 19.00 19.20
CA LYS A 205 15.56 19.69 20.51
C LYS A 205 14.60 19.11 21.54
N ARG A 206 13.37 18.80 21.15
CA ARG A 206 12.32 18.29 22.08
C ARG A 206 12.40 16.76 22.13
N VAL A 207 12.79 16.15 21.01
CA VAL A 207 12.69 14.66 20.83
C VAL A 207 14.00 14.17 20.23
N PRO A 208 15.05 13.94 21.04
CA PRO A 208 16.37 13.74 20.46
C PRO A 208 16.47 12.50 19.57
N ASN A 209 15.59 11.52 19.81
CA ASN A 209 15.53 10.22 19.10
C ASN A 209 14.48 10.27 17.97
N ALA A 210 13.97 11.43 17.57
CA ALA A 210 12.83 11.49 16.62
C ALA A 210 13.28 10.90 15.29
N PRO A 211 12.57 9.90 14.72
CA PRO A 211 12.85 9.43 13.37
C PRO A 211 12.05 10.17 12.30
N PHE A 212 12.62 10.30 11.11
CA PHE A 212 11.99 11.05 10.00
C PHE A 212 12.00 10.20 8.74
N ALA A 213 11.08 10.49 7.85
CA ALA A 213 11.12 10.01 6.45
C ALA A 213 10.68 11.18 5.60
N GLY A 214 11.03 11.13 4.33
CA GLY A 214 10.56 12.18 3.42
C GLY A 214 11.04 11.81 2.03
N PRO A 215 10.74 12.62 1.01
CA PRO A 215 9.99 13.85 1.15
C PRO A 215 8.45 13.74 1.04
N ASP A 216 7.91 12.53 0.96
CA ASP A 216 6.44 12.29 0.99
C ASP A 216 5.84 12.89 -0.27
N THR A 217 6.50 12.66 -1.40
CA THR A 217 5.98 13.14 -2.67
C THR A 217 6.04 12.03 -3.72
N ALA A 218 5.34 12.25 -4.81
CA ALA A 218 5.54 11.50 -6.08
C ALA A 218 7.02 11.54 -6.46
N TYR A 219 7.51 10.51 -7.12
CA TYR A 219 8.90 10.50 -7.62
C TYR A 219 9.09 11.71 -8.51
N ASN A 220 10.20 12.42 -8.34
CA ASN A 220 10.62 13.46 -9.32
C ASN A 220 12.05 13.85 -9.08
N THR A 221 12.65 14.48 -10.08
CA THR A 221 14.10 14.72 -10.05
C THR A 221 14.38 16.02 -9.29
N LYS A 222 13.44 16.97 -9.24
CA LYS A 222 13.74 18.31 -8.67
C LYS A 222 13.54 18.29 -7.14
N TRP A 223 12.85 17.30 -6.59
CA TRP A 223 12.55 17.27 -5.14
C TRP A 223 13.12 16.01 -4.50
N LEU A 224 12.71 14.82 -4.96
CA LEU A 224 13.01 13.60 -4.19
C LEU A 224 14.52 13.29 -4.26
N VAL A 225 15.12 13.39 -5.45
CA VAL A 225 16.56 13.04 -5.59
C VAL A 225 17.43 13.95 -4.72
N PRO A 226 17.27 15.29 -4.76
CA PRO A 226 18.08 16.17 -3.91
C PRO A 226 17.74 16.07 -2.41
N PHE A 227 16.50 15.70 -2.08
CA PHE A 227 16.09 15.47 -0.68
C PHE A 227 16.98 14.35 -0.14
N ALA A 228 17.06 13.25 -0.87
CA ALA A 228 17.85 12.07 -0.45
C ALA A 228 19.31 12.48 -0.26
N ASP A 229 19.88 13.22 -1.21
CA ASP A 229 21.32 13.63 -1.15
C ASP A 229 21.57 14.49 0.10
N LYS A 230 20.69 15.44 0.38
CA LYS A 230 20.89 16.45 1.43
C LYS A 230 20.59 15.87 2.81
N PHE A 231 19.57 15.02 2.95
CA PHE A 231 19.06 14.65 4.30
C PHE A 231 19.27 13.19 4.59
N LYS A 232 20.17 12.54 3.85
CA LYS A 232 20.37 11.09 3.98
C LYS A 232 20.81 10.69 5.39
N HIS A 233 21.52 11.54 6.16
CA HIS A 233 21.92 11.15 7.55
C HIS A 233 20.81 11.46 8.56
N ASP A 234 19.77 12.20 8.15
CA ASP A 234 18.68 12.64 9.06
C ASP A 234 17.36 11.90 8.86
N VAL A 235 17.26 11.02 7.86
CA VAL A 235 16.01 10.21 7.65
C VAL A 235 16.33 8.72 7.71
N LYS A 236 15.31 7.93 8.03
CA LYS A 236 15.41 6.44 8.09
C LYS A 236 15.19 5.83 6.70
N PHE A 237 14.34 6.43 5.87
CA PHE A 237 13.92 5.90 4.56
C PHE A 237 13.30 7.01 3.73
N ILE A 238 13.28 6.78 2.45
CA ILE A 238 12.58 7.63 1.46
C ILE A 238 11.11 7.22 1.41
N SER A 239 10.26 8.24 1.43
CA SER A 239 8.78 8.14 1.36
C SER A 239 8.37 8.73 0.03
N SER A 240 7.80 7.93 -0.87
CA SER A 240 7.35 8.45 -2.19
C SER A 240 5.92 7.97 -2.46
N HIS A 241 5.23 8.65 -3.36
CA HIS A 241 3.82 8.40 -3.68
C HIS A 241 3.69 7.90 -5.12
N TYR A 242 2.57 7.24 -5.41
CA TYR A 242 2.30 6.78 -6.80
C TYR A 242 0.80 6.69 -7.02
N TYR A 243 0.34 7.30 -8.09
CA TYR A 243 -1.03 7.16 -8.62
C TYR A 243 -0.93 6.64 -10.05
N ALA A 244 -1.63 5.55 -10.37
CA ALA A 244 -1.59 4.95 -11.74
C ALA A 244 -2.12 5.99 -12.74
N GLU A 245 -3.15 6.73 -12.37
CA GLU A 245 -3.54 7.95 -13.13
C GLU A 245 -2.34 8.92 -13.28
N GLY A 246 -2.00 9.29 -14.52
CA GLY A 246 -1.06 10.38 -14.79
C GLY A 246 -1.77 11.74 -14.73
N PRO A 247 -1.09 12.84 -15.17
CA PRO A 247 -1.69 14.18 -15.19
C PRO A 247 -2.97 14.19 -16.05
N ASP A 250 -10.62 12.87 -16.53
CA ASP A 250 -10.04 12.52 -17.87
C ASP A 250 -10.61 11.17 -18.33
N PRO A 251 -11.38 11.12 -19.44
CA PRO A 251 -11.95 9.85 -19.93
C PRO A 251 -10.91 8.77 -20.29
N SER A 252 -9.61 9.02 -20.01
CA SER A 252 -8.48 8.13 -20.40
C SER A 252 -7.97 7.27 -19.23
N MET A 253 -8.23 7.55 -17.92
CA MET A 253 -8.04 6.43 -16.94
C MET A 253 -9.32 5.60 -16.96
N THR A 254 -9.12 4.38 -17.42
CA THR A 254 -10.14 3.36 -17.69
C THR A 254 -9.65 2.11 -17.00
N ILE A 255 -10.53 1.15 -16.79
CA ILE A 255 -10.11 -0.20 -16.30
C ILE A 255 -9.07 -0.78 -17.27
N GLU A 256 -9.26 -0.63 -18.58
CA GLU A 256 -8.33 -1.18 -19.61
C GLU A 256 -6.91 -0.67 -19.35
N ARG A 257 -6.77 0.63 -19.17
CA ARG A 257 -5.46 1.29 -18.93
C ARG A 257 -4.88 0.82 -17.60
N LEU A 258 -5.72 0.69 -16.57
CA LEU A 258 -5.26 0.34 -15.21
C LEU A 258 -4.63 -1.07 -15.22
N MET A 259 -5.12 -2.00 -16.06
CA MET A 259 -4.61 -3.40 -16.14
C MET A 259 -3.28 -3.48 -16.87
N LYS A 260 -2.94 -2.48 -17.70
CA LYS A 260 -1.70 -2.46 -18.50
C LYS A 260 -0.50 -2.07 -17.65
N PRO A 261 0.73 -2.43 -18.09
CA PRO A 261 1.95 -1.97 -17.45
C PRO A 261 1.97 -0.44 -17.49
N ASN A 262 2.59 0.17 -16.49
CA ASN A 262 2.73 1.64 -16.40
C ASN A 262 4.23 1.94 -16.51
N PRO A 263 4.71 2.32 -17.71
CA PRO A 263 6.15 2.50 -17.93
C PRO A 263 6.70 3.58 -16.99
N ARG A 264 5.91 4.61 -16.71
CA ARG A 264 6.28 5.66 -15.74
C ARG A 264 6.59 5.02 -14.38
N LEU A 265 5.77 4.09 -13.92
CA LEU A 265 5.97 3.43 -12.61
C LEU A 265 7.32 2.70 -12.61
N LEU A 266 7.65 2.04 -13.72
CA LEU A 266 8.92 1.27 -13.80
C LEU A 266 10.07 2.27 -13.69
N GLY A 267 9.96 3.42 -14.36
CA GLY A 267 10.99 4.48 -14.30
C GLY A 267 11.16 5.00 -12.87
N GLU A 268 10.05 5.37 -12.25
CA GLU A 268 10.06 5.94 -10.89
C GLU A 268 10.70 4.91 -9.95
N THR A 269 10.35 3.64 -10.10
CA THR A 269 10.86 2.57 -9.21
C THR A 269 12.37 2.45 -9.40
N ALA A 270 12.86 2.44 -10.65
CA ALA A 270 14.30 2.47 -10.96
C ALA A 270 14.95 3.70 -10.31
N GLY A 271 14.29 4.87 -10.34
CA GLY A 271 14.83 6.08 -9.73
C GLY A 271 15.02 5.90 -8.24
N LEU A 272 14.05 5.25 -7.60
CA LEU A 272 14.11 4.98 -6.15
C LEU A 272 15.22 3.97 -5.87
N LYS A 273 15.42 2.97 -6.72
CA LYS A 273 16.50 2.00 -6.43
C LYS A 273 17.86 2.71 -6.56
N GLN A 274 18.01 3.62 -7.52
CA GLN A 274 19.28 4.37 -7.67
C GLN A 274 19.51 5.27 -6.45
N VAL A 275 18.46 5.91 -5.94
CA VAL A 275 18.56 6.73 -4.68
C VAL A 275 19.05 5.82 -3.57
N GLU A 276 18.52 4.61 -3.49
CA GLU A 276 18.93 3.66 -2.42
C GLU A 276 20.42 3.30 -2.61
N ALA A 277 20.87 3.07 -3.84
CA ALA A 277 22.27 2.68 -4.11
C ALA A 277 23.17 3.86 -3.69
N ASP A 278 22.75 5.09 -4.00
CA ASP A 278 23.56 6.31 -3.79
C ASP A 278 23.59 6.71 -2.32
N THR A 279 22.52 6.49 -1.58
CA THR A 279 22.37 7.08 -0.22
C THR A 279 22.27 6.05 0.88
N GLY A 280 21.98 4.79 0.55
CA GLY A 280 21.71 3.72 1.55
C GLY A 280 20.27 3.75 2.06
N LEU A 281 19.44 4.70 1.60
CA LEU A 281 18.05 4.86 2.08
C LEU A 281 17.12 3.87 1.35
N PRO A 282 16.43 3.01 2.09
CA PRO A 282 15.37 2.18 1.52
C PRO A 282 14.17 3.07 1.18
N PHE A 283 13.21 2.51 0.45
CA PHE A 283 12.04 3.31 0.04
C PHE A 283 10.76 2.55 0.43
N ARG A 284 9.73 3.34 0.77
CA ARG A 284 8.35 2.93 1.09
C ARG A 284 7.42 3.82 0.29
N LEU A 285 6.40 3.20 -0.32
CA LEU A 285 5.34 3.87 -1.11
C LEU A 285 4.22 4.26 -0.13
N THR A 286 4.31 5.45 0.42
CA THR A 286 3.57 5.85 1.65
C THR A 286 2.21 6.45 1.30
N GLU A 287 1.94 6.77 0.03
CA GLU A 287 0.58 7.11 -0.42
C GLU A 287 0.40 6.62 -1.84
N THR A 288 -0.55 5.71 -2.08
CA THR A 288 -0.81 5.23 -3.44
C THR A 288 -2.29 4.90 -3.56
N ASN A 289 -2.79 5.13 -4.76
CA ASN A 289 -4.05 4.49 -5.19
C ASN A 289 -4.17 4.62 -6.69
N SER A 290 -5.26 4.07 -7.23
CA SER A 290 -5.42 3.84 -8.67
C SER A 290 -5.48 5.18 -9.38
N CYS A 291 -6.22 6.11 -8.81
N CYS A 291 -6.15 6.15 -8.78
CA CYS A 291 -6.48 7.46 -9.38
CA CYS A 291 -6.44 7.47 -9.38
C CYS A 291 -6.35 8.46 -8.22
C CYS A 291 -6.50 8.52 -8.27
N TYR A 292 -5.84 9.66 -8.48
CA TYR A 292 -5.77 10.76 -7.50
C TYR A 292 -7.07 11.56 -7.60
N GLN A 293 -7.16 12.63 -6.81
CA GLN A 293 -8.40 13.41 -6.57
C GLN A 293 -9.50 12.47 -6.12
N GLY A 294 -9.19 11.54 -5.24
CA GLY A 294 -10.18 10.74 -4.52
C GLY A 294 -10.64 9.49 -5.28
N GLY A 295 -10.04 9.19 -6.44
CA GLY A 295 -10.38 8.00 -7.24
C GLY A 295 -11.40 8.34 -8.30
N LYS A 296 -11.61 7.42 -9.25
CA LYS A 296 -12.56 7.65 -10.37
C LYS A 296 -13.67 6.60 -10.25
N GLN A 297 -14.92 7.08 -10.19
CA GLN A 297 -16.11 6.20 -10.16
C GLN A 297 -16.11 5.37 -11.43
N GLY A 298 -16.31 4.05 -11.29
CA GLY A 298 -16.28 3.07 -12.39
C GLY A 298 -14.89 2.49 -12.64
N VAL A 299 -13.88 2.95 -11.91
CA VAL A 299 -12.49 2.41 -11.99
C VAL A 299 -12.03 2.06 -10.58
N SER A 300 -11.86 3.07 -9.73
CA SER A 300 -11.18 2.89 -8.43
C SER A 300 -12.03 2.08 -7.48
N ASP A 301 -13.36 2.12 -7.65
CA ASP A 301 -14.31 1.44 -6.71
C ASP A 301 -14.68 0.05 -7.24
N THR A 302 -13.93 -0.52 -8.21
CA THR A 302 -14.32 -1.76 -8.92
C THR A 302 -13.37 -2.90 -8.60
N PHE A 303 -13.78 -4.11 -8.99
CA PHE A 303 -12.99 -5.33 -8.76
C PHE A 303 -11.64 -5.17 -9.49
N ALA A 304 -11.62 -4.44 -10.59
CA ALA A 304 -10.35 -4.21 -11.32
C ALA A 304 -9.30 -3.59 -10.38
N ALA A 305 -9.72 -2.75 -9.43
CA ALA A 305 -8.78 -2.14 -8.46
C ALA A 305 -8.20 -3.24 -7.57
N ALA A 306 -8.91 -4.34 -7.28
CA ALA A 306 -8.36 -5.46 -6.46
C ALA A 306 -7.20 -6.09 -7.22
N LEU A 307 -7.38 -6.36 -8.52
CA LEU A 307 -6.33 -6.96 -9.36
C LEU A 307 -5.15 -5.96 -9.42
N TRP A 308 -5.42 -4.69 -9.74
CA TRP A 308 -4.40 -3.63 -9.78
C TRP A 308 -3.60 -3.58 -8.48
N ALA A 309 -4.27 -3.55 -7.31
CA ALA A 309 -3.63 -3.28 -6.02
C ALA A 309 -2.81 -4.50 -5.62
N GLY A 310 -3.37 -5.68 -5.79
CA GLY A 310 -2.65 -6.92 -5.42
C GLY A 310 -1.42 -7.08 -6.29
N ASP A 311 -1.57 -6.79 -7.59
CA ASP A 311 -0.44 -6.88 -8.54
C ASP A 311 0.63 -5.85 -8.13
N LEU A 312 0.22 -4.59 -7.90
CA LEU A 312 1.14 -3.52 -7.50
C LEU A 312 1.93 -3.92 -6.26
N MET A 313 1.27 -4.47 -5.24
CA MET A 313 1.99 -4.84 -4.01
C MET A 313 3.16 -5.79 -4.34
N TYR A 314 2.91 -6.80 -5.15
CA TYR A 314 3.96 -7.78 -5.57
C TYR A 314 4.98 -7.14 -6.51
N GLN A 315 4.57 -6.29 -7.46
CA GLN A 315 5.52 -5.66 -8.42
C GLN A 315 6.53 -4.78 -7.66
N GLN A 316 6.05 -3.99 -6.70
CA GLN A 316 6.93 -3.11 -5.88
C GLN A 316 7.78 -3.95 -4.90
N ALA A 317 7.25 -5.05 -4.37
CA ALA A 317 8.00 -5.92 -3.43
C ALA A 317 9.15 -6.57 -4.22
N ALA A 318 8.91 -6.97 -5.47
CA ALA A 318 9.94 -7.58 -6.36
C ALA A 318 11.02 -6.56 -6.72
N ALA A 319 10.67 -5.27 -6.79
CA ALA A 319 11.61 -4.15 -7.04
C ALA A 319 12.38 -3.76 -5.77
N GLY A 320 12.07 -4.32 -4.60
CA GLY A 320 12.81 -4.07 -3.35
C GLY A 320 12.20 -2.95 -2.49
N SER A 321 10.95 -2.56 -2.73
CA SER A 321 10.22 -1.61 -1.86
C SER A 321 10.07 -2.23 -0.48
N THR A 322 10.18 -1.43 0.58
CA THR A 322 9.99 -1.89 1.98
C THR A 322 8.49 -2.01 2.30
N GLY A 323 7.61 -1.40 1.53
CA GLY A 323 6.17 -1.48 1.88
C GLY A 323 5.34 -0.46 1.15
N ILE A 324 4.07 -0.43 1.50
CA ILE A 324 3.03 0.27 0.72
C ILE A 324 1.93 0.79 1.66
N ASN A 325 1.22 1.81 1.25
CA ASN A 325 0.19 2.45 2.09
C ASN A 325 -0.89 2.95 1.15
N PHE A 326 -1.96 2.19 0.95
CA PHE A 326 -3.03 2.62 0.04
C PHE A 326 -3.85 3.71 0.72
N HIS A 327 -4.11 4.79 0.00
CA HIS A 327 -4.82 5.95 0.58
C HIS A 327 -6.33 5.72 0.59
N GLY A 328 -6.98 6.21 1.64
CA GLY A 328 -8.42 5.99 1.81
C GLY A 328 -8.97 6.70 3.01
N GLY A 329 -10.19 6.33 3.40
CA GLY A 329 -11.00 7.00 4.42
C GLY A 329 -12.36 7.38 3.84
N GLY A 330 -13.32 7.48 4.73
CA GLY A 330 -14.68 7.88 4.35
C GLY A 330 -15.31 6.82 3.46
N TYR A 331 -15.88 7.27 2.37
CA TYR A 331 -16.50 6.40 1.34
C TYR A 331 -15.89 6.75 -0.01
N GLY A 332 -14.64 7.23 -0.01
CA GLY A 332 -14.02 7.66 -1.29
C GLY A 332 -13.97 6.53 -2.30
N TRP A 333 -13.95 6.83 -3.58
CA TRP A 333 -14.00 5.79 -4.64
C TRP A 333 -12.87 4.77 -4.45
N TYR A 334 -11.68 5.20 -3.98
CA TYR A 334 -10.50 4.33 -3.97
C TYR A 334 -10.28 3.70 -2.61
N THR A 335 -11.10 3.99 -1.60
CA THR A 335 -10.75 3.55 -0.24
C THR A 335 -10.76 2.02 -0.13
N PRO A 336 -9.73 1.38 0.47
CA PRO A 336 -9.80 -0.07 0.73
C PRO A 336 -10.91 -0.47 1.71
N VAL A 337 -11.00 0.27 2.80
CA VAL A 337 -12.06 0.11 3.83
C VAL A 337 -12.91 1.38 3.77
N ALA A 338 -14.22 1.22 3.64
CA ALA A 338 -15.23 2.32 3.68
C ALA A 338 -15.95 2.31 5.03
N GLY A 339 -16.39 3.48 5.47
CA GLY A 339 -17.35 3.55 6.59
C GLY A 339 -16.93 4.46 7.71
N THR A 340 -17.60 4.35 8.86
CA THR A 340 -17.43 5.25 10.01
C THR A 340 -17.72 4.45 11.25
N PRO A 341 -17.28 4.90 12.44
CA PRO A 341 -17.56 4.19 13.68
C PRO A 341 -19.06 4.01 13.98
N GLU A 342 -19.89 4.98 13.61
CA GLU A 342 -21.34 4.99 13.96
C GLU A 342 -22.10 4.11 12.93
N ASP A 343 -21.69 4.10 11.66
CA ASP A 343 -22.37 3.37 10.56
C ASP A 343 -21.76 1.98 10.36
N GLY A 344 -20.54 1.77 10.82
CA GLY A 344 -19.74 0.55 10.59
C GLY A 344 -18.90 0.61 9.34
N PHE A 345 -18.03 -0.37 9.22
CA PHE A 345 -17.03 -0.44 8.12
C PHE A 345 -17.26 -1.68 7.25
N ILE A 346 -16.84 -1.58 5.98
CA ILE A 346 -16.96 -2.67 4.99
C ILE A 346 -15.71 -2.68 4.12
N ALA A 347 -15.33 -3.86 3.64
CA ALA A 347 -14.25 -4.04 2.66
C ALA A 347 -14.80 -3.71 1.29
N ARG A 348 -14.19 -2.73 0.66
CA ARG A 348 -14.39 -2.38 -0.77
C ARG A 348 -13.58 -3.32 -1.65
N PRO A 349 -13.83 -3.35 -2.98
CA PRO A 349 -13.15 -4.27 -3.89
C PRO A 349 -11.61 -4.27 -3.71
N GLU A 350 -10.96 -3.11 -3.68
CA GLU A 350 -9.47 -3.02 -3.54
C GLU A 350 -8.99 -3.84 -2.36
N TYR A 351 -9.73 -3.86 -1.24
CA TYR A 351 -9.32 -4.60 -0.04
C TYR A 351 -8.98 -6.04 -0.39
N TYR A 352 -9.75 -6.67 -1.27
CA TYR A 352 -9.61 -8.10 -1.61
C TYR A 352 -8.26 -8.35 -2.30
N GLY A 353 -7.76 -7.42 -3.10
CA GLY A 353 -6.37 -7.49 -3.64
C GLY A 353 -5.34 -7.58 -2.52
N MET A 354 -5.52 -6.79 -1.47
CA MET A 354 -4.60 -6.69 -0.31
C MET A 354 -4.74 -7.94 0.55
N LEU A 355 -5.97 -8.49 0.58
CA LEU A 355 -6.26 -9.72 1.35
C LEU A 355 -5.50 -10.91 0.73
N LEU A 356 -5.44 -10.98 -0.60
CA LEU A 356 -4.71 -12.04 -1.33
C LEU A 356 -3.24 -11.97 -0.88
N PHE A 357 -2.66 -10.77 -0.93
CA PHE A 357 -1.28 -10.56 -0.43
C PHE A 357 -1.17 -11.02 1.03
N ALA A 358 -2.13 -10.64 1.86
CA ALA A 358 -2.06 -11.00 3.30
C ALA A 358 -2.03 -12.52 3.46
N GLN A 359 -2.84 -13.25 2.70
CA GLN A 359 -2.96 -14.72 2.87
C GLN A 359 -1.72 -15.40 2.29
N ALA A 360 -1.06 -14.80 1.31
CA ALA A 360 0.20 -15.37 0.79
C ALA A 360 1.24 -15.32 1.91
N GLY A 361 1.26 -14.23 2.67
CA GLY A 361 2.25 -13.99 3.74
C GLY A 361 3.60 -13.60 3.19
N ALA A 362 4.58 -13.51 4.07
CA ALA A 362 5.94 -13.04 3.75
C ALA A 362 6.84 -14.20 3.28
N GLY A 363 8.03 -13.84 2.83
CA GLY A 363 9.04 -14.82 2.42
C GLY A 363 9.85 -14.25 1.29
N GLN A 364 10.57 -15.10 0.58
CA GLN A 364 11.45 -14.61 -0.50
C GLN A 364 10.85 -14.85 -1.89
N LEU A 365 10.83 -13.83 -2.72
CA LEU A 365 10.34 -13.96 -4.10
C LEU A 365 11.34 -14.79 -4.91
N LEU A 366 10.80 -15.58 -5.84
CA LEU A 366 11.54 -16.55 -6.69
C LEU A 366 11.27 -16.21 -8.14
N GLY A 367 12.11 -16.70 -9.05
CA GLY A 367 11.86 -16.52 -10.48
C GLY A 367 10.57 -17.20 -10.90
N ALA A 368 9.74 -16.50 -11.66
CA ALA A 368 8.45 -16.99 -12.20
C ALA A 368 8.31 -16.41 -13.60
N LYS A 369 8.81 -17.14 -14.59
CA LYS A 369 8.84 -16.70 -16.01
C LYS A 369 7.61 -17.25 -16.75
N LEU A 370 6.88 -16.36 -17.42
CA LEU A 370 5.74 -16.70 -18.29
C LEU A 370 6.24 -16.80 -19.73
N THR A 371 5.75 -17.79 -20.46
CA THR A 371 6.02 -17.98 -21.91
C THR A 371 4.70 -18.26 -22.63
N ASP A 372 4.69 -18.11 -23.97
CA ASP A 372 3.54 -18.40 -24.86
C ASP A 372 2.36 -17.51 -24.43
N ASN A 373 2.68 -16.30 -23.96
CA ASN A 373 1.73 -15.45 -23.19
C ASN A 373 1.42 -14.15 -23.94
N SER A 374 1.86 -14.01 -25.20
CA SER A 374 1.69 -12.76 -25.99
C SER A 374 0.22 -12.45 -26.30
N ALA A 375 -0.67 -13.44 -26.40
CA ALA A 375 -2.13 -13.17 -26.58
C ALA A 375 -2.85 -13.12 -25.22
N ALA A 376 -2.12 -13.21 -24.09
CA ALA A 376 -2.64 -12.92 -22.73
C ALA A 376 -1.61 -12.10 -21.94
N PRO A 377 -1.21 -10.93 -22.46
CA PRO A 377 -0.01 -10.24 -21.97
C PRO A 377 -0.15 -9.58 -20.59
N LEU A 378 -1.38 -9.41 -20.12
CA LEU A 378 -1.64 -8.73 -18.84
C LEU A 378 -1.72 -9.74 -17.71
N LEU A 379 -1.46 -11.02 -17.96
CA LEU A 379 -1.28 -11.99 -16.85
C LEU A 379 0.05 -11.72 -16.18
N THR A 380 0.04 -11.62 -14.83
CA THR A 380 1.28 -11.48 -14.04
C THR A 380 1.31 -12.62 -13.05
N ALA A 381 2.51 -13.04 -12.67
CA ALA A 381 2.69 -14.15 -11.70
C ALA A 381 3.89 -13.88 -10.80
N TYR A 382 3.78 -14.26 -9.53
CA TYR A 382 4.85 -14.04 -8.54
C TYR A 382 4.96 -15.30 -7.71
N ALA A 383 6.16 -15.88 -7.64
CA ALA A 383 6.42 -17.09 -6.84
C ALA A 383 7.13 -16.67 -5.55
N LEU A 384 6.84 -17.37 -4.47
CA LEU A 384 7.26 -16.96 -3.12
C LEU A 384 7.60 -18.22 -2.35
N ARG A 385 8.81 -18.30 -1.82
CA ARG A 385 9.14 -19.24 -0.75
C ARG A 385 8.71 -18.64 0.59
N GLY A 386 7.64 -19.18 1.17
CA GLY A 386 7.07 -18.63 2.41
C GLY A 386 8.02 -18.81 3.57
N THR A 387 7.95 -17.91 4.55
CA THR A 387 8.71 -18.09 5.81
C THR A 387 8.41 -19.50 6.40
N ASP A 388 7.23 -20.09 6.16
CA ASP A 388 6.89 -21.45 6.69
C ASP A 388 7.49 -22.58 5.81
N GLY A 389 8.22 -22.25 4.74
CA GLY A 389 8.88 -23.24 3.85
C GLY A 389 8.02 -23.61 2.66
N ARG A 390 6.73 -23.21 2.59
CA ARG A 390 5.85 -23.68 1.48
C ARG A 390 5.92 -22.68 0.33
N THR A 391 5.94 -23.18 -0.89
CA THR A 391 5.91 -22.35 -2.11
C THR A 391 4.49 -21.82 -2.32
N ARG A 392 4.37 -20.55 -2.70
CA ARG A 392 3.08 -19.96 -3.08
C ARG A 392 3.28 -19.24 -4.40
N ILE A 393 2.22 -19.13 -5.18
CA ILE A 393 2.22 -18.34 -6.42
C ILE A 393 0.98 -17.44 -6.42
N ALA A 394 1.19 -16.17 -6.66
CA ALA A 394 0.12 -15.17 -6.76
C ALA A 394 -0.02 -14.87 -8.23
N LEU A 395 -1.20 -15.11 -8.82
CA LEU A 395 -1.39 -14.78 -10.25
C LEU A 395 -2.49 -13.72 -10.33
N PHE A 396 -2.33 -12.77 -11.23
CA PHE A 396 -3.34 -11.75 -11.56
C PHE A 396 -3.60 -11.88 -13.05
N ASN A 397 -4.72 -12.52 -13.43
CA ASN A 397 -5.16 -12.51 -14.84
C ASN A 397 -5.86 -11.19 -15.13
N LYS A 398 -5.10 -10.16 -15.50
CA LYS A 398 -5.62 -8.79 -15.72
C LYS A 398 -6.09 -8.65 -17.16
N ASN A 399 -5.99 -9.70 -17.97
CA ASN A 399 -6.61 -9.68 -19.31
C ASN A 399 -8.12 -9.63 -19.12
N LEU A 400 -8.78 -8.64 -19.72
CA LEU A 400 -10.23 -8.40 -19.57
C LEU A 400 -11.02 -9.34 -20.50
N ASP A 401 -10.42 -9.86 -21.56
CA ASP A 401 -11.16 -10.71 -22.53
C ASP A 401 -10.50 -12.08 -22.76
N ALA A 402 -9.45 -12.47 -22.05
CA ALA A 402 -8.84 -13.80 -22.27
C ALA A 402 -8.77 -14.61 -20.97
N ASP A 403 -9.38 -15.78 -21.01
CA ASP A 403 -9.18 -16.82 -19.97
C ASP A 403 -7.78 -17.39 -20.21
N VAL A 404 -7.17 -17.99 -19.20
CA VAL A 404 -5.83 -18.57 -19.42
C VAL A 404 -5.80 -19.97 -18.83
N GLU A 405 -4.93 -20.80 -19.39
CA GLU A 405 -4.61 -22.14 -18.86
C GLU A 405 -3.10 -22.14 -18.60
N VAL A 406 -2.70 -22.25 -17.33
CA VAL A 406 -1.27 -22.05 -16.95
C VAL A 406 -0.65 -23.41 -16.64
N ALA A 407 0.31 -23.82 -17.47
CA ALA A 407 1.13 -25.02 -17.24
C ALA A 407 2.28 -24.62 -16.33
N ILE A 408 2.29 -25.10 -15.08
CA ILE A 408 3.26 -24.66 -14.06
C ILE A 408 4.29 -25.77 -13.91
N SER A 409 5.55 -25.42 -14.14
CA SER A 409 6.74 -26.32 -13.98
C SER A 409 7.64 -25.70 -12.91
N GLY A 410 8.48 -26.52 -12.28
CA GLY A 410 9.52 -26.02 -11.37
C GLY A 410 9.06 -26.11 -9.94
N VAL A 411 7.87 -26.67 -9.70
CA VAL A 411 7.34 -26.93 -8.34
C VAL A 411 7.18 -28.44 -8.18
N ALA A 412 7.75 -29.00 -7.13
CA ALA A 412 7.67 -30.41 -6.73
C ALA A 412 6.90 -30.47 -5.42
N SER A 413 5.65 -30.91 -5.49
CA SER A 413 4.75 -30.92 -4.33
C SER A 413 3.73 -32.03 -4.54
N PRO A 414 3.32 -32.75 -3.48
CA PRO A 414 2.26 -33.74 -3.61
C PRO A 414 0.86 -33.11 -3.70
N SER A 415 0.69 -31.81 -3.45
CA SER A 415 -0.66 -31.19 -3.42
C SER A 415 -0.60 -29.66 -3.52
N GLY A 416 -1.30 -29.07 -4.48
CA GLY A 416 -1.53 -27.62 -4.53
C GLY A 416 -3.01 -27.28 -4.39
N THR A 417 -3.31 -26.24 -3.63
CA THR A 417 -4.68 -25.65 -3.51
C THR A 417 -4.66 -24.25 -4.09
N VAL A 418 -5.83 -23.78 -4.52
CA VAL A 418 -6.03 -22.43 -5.11
C VAL A 418 -7.16 -21.75 -4.33
N LEU A 419 -6.94 -20.49 -4.01
CA LEU A 419 -7.99 -19.53 -3.58
C LEU A 419 -8.13 -18.52 -4.69
N ARG A 420 -9.35 -18.28 -5.14
CA ARG A 420 -9.57 -17.41 -6.29
C ARG A 420 -10.13 -16.05 -5.82
N LEU A 421 -9.69 -15.04 -6.52
CA LEU A 421 -10.08 -13.64 -6.30
C LEU A 421 -10.96 -13.31 -7.48
N GLU A 422 -12.26 -13.11 -7.23
CA GLU A 422 -13.29 -13.21 -8.28
C GLU A 422 -14.35 -12.13 -8.07
N ALA A 423 -14.86 -11.68 -9.20
CA ALA A 423 -16.12 -10.92 -9.38
C ALA A 423 -16.68 -11.23 -10.75
N PRO A 424 -18.01 -11.11 -10.93
CA PRO A 424 -18.63 -11.52 -12.19
C PRO A 424 -18.32 -10.59 -13.36
N ARG A 425 -17.85 -9.37 -13.09
CA ARG A 425 -17.39 -8.42 -14.14
C ARG A 425 -16.30 -7.52 -13.55
N ALA A 426 -15.42 -7.02 -14.40
CA ALA A 426 -14.23 -6.27 -13.98
C ALA A 426 -14.67 -4.94 -13.35
N ASP A 427 -15.82 -4.40 -13.76
CA ASP A 427 -16.31 -3.09 -13.31
C ASP A 427 -17.31 -3.27 -12.17
N ASP A 428 -17.36 -4.45 -11.55
CA ASP A 428 -18.32 -4.66 -10.44
C ASP A 428 -17.85 -3.87 -9.22
N THR A 429 -18.79 -3.21 -8.53
CA THR A 429 -18.52 -2.43 -7.28
C THR A 429 -18.77 -3.30 -6.06
N THR A 430 -19.31 -4.48 -6.29
CA THR A 430 -19.60 -5.47 -5.22
C THR A 430 -19.38 -6.88 -5.81
N ASP A 431 -19.92 -7.89 -5.14
CA ASP A 431 -19.90 -9.29 -5.59
C ASP A 431 -18.46 -9.83 -5.62
N VAL A 432 -17.55 -9.25 -4.82
CA VAL A 432 -16.13 -9.66 -4.84
C VAL A 432 -15.99 -10.70 -3.77
N THR A 433 -15.29 -11.78 -4.09
CA THR A 433 -14.99 -12.81 -3.05
C THR A 433 -13.53 -13.25 -3.17
N PHE A 434 -13.04 -13.85 -2.10
CA PHE A 434 -11.70 -14.47 -2.12
C PHE A 434 -11.80 -15.78 -1.36
N GLY A 435 -11.29 -16.87 -1.95
CA GLY A 435 -11.47 -18.23 -1.38
C GLY A 435 -12.94 -18.58 -1.25
N GLY A 436 -13.78 -18.01 -2.11
CA GLY A 436 -15.23 -18.34 -2.17
C GLY A 436 -16.03 -17.68 -1.03
N ALA A 437 -15.48 -16.61 -0.43
CA ALA A 437 -16.18 -15.90 0.66
C ALA A 437 -15.93 -14.40 0.58
N PRO A 438 -16.96 -13.60 0.90
CA PRO A 438 -16.73 -12.19 1.13
C PRO A 438 -16.06 -11.98 2.49
N VAL A 439 -15.50 -10.78 2.66
CA VAL A 439 -15.06 -10.29 3.99
C VAL A 439 -16.30 -9.86 4.76
N GLY A 440 -16.41 -10.24 6.01
CA GLY A 440 -17.59 -9.85 6.80
C GLY A 440 -17.32 -8.64 7.67
N ALA A 441 -18.00 -8.58 8.80
CA ALA A 441 -17.88 -7.44 9.73
C ALA A 441 -16.50 -7.48 10.38
N SER A 442 -15.92 -6.32 10.67
CA SER A 442 -14.67 -6.20 11.44
C SER A 442 -13.53 -7.00 10.79
N GLY A 443 -13.52 -7.12 9.46
CA GLY A 443 -12.47 -7.80 8.67
C GLY A 443 -12.50 -9.32 8.83
N SER A 444 -13.60 -9.94 9.33
CA SER A 444 -13.73 -11.41 9.47
C SER A 444 -13.61 -12.04 8.09
N TRP A 445 -12.72 -13.02 7.94
CA TRP A 445 -12.57 -13.70 6.64
C TRP A 445 -11.99 -15.07 6.88
N SER A 446 -12.60 -16.06 6.22
CA SER A 446 -12.13 -17.46 6.22
C SER A 446 -12.46 -18.00 4.84
N PRO A 447 -11.60 -18.85 4.25
CA PRO A 447 -11.94 -19.40 2.94
C PRO A 447 -13.07 -20.42 3.14
N LEU A 448 -13.94 -20.52 2.16
CA LEU A 448 -15.09 -21.46 2.20
C LEU A 448 -15.06 -22.44 1.05
N VAL A 449 -14.27 -22.19 0.01
CA VAL A 449 -14.16 -23.09 -1.19
C VAL A 449 -12.72 -23.61 -1.31
N GLN A 450 -12.54 -24.93 -1.15
CA GLN A 450 -11.28 -25.70 -1.34
C GLN A 450 -11.20 -26.22 -2.77
N GLU A 451 -10.16 -25.84 -3.50
CA GLU A 451 -9.99 -26.31 -4.90
C GLU A 451 -8.56 -26.83 -5.02
N TYR A 452 -8.37 -28.08 -5.45
CA TYR A 452 -7.04 -28.65 -5.73
C TYR A 452 -6.65 -28.23 -7.13
N VAL A 453 -5.36 -28.02 -7.34
CA VAL A 453 -4.79 -27.74 -8.68
C VAL A 453 -4.34 -29.08 -9.23
N PRO A 454 -4.88 -29.51 -10.39
CA PRO A 454 -4.51 -30.81 -10.98
C PRO A 454 -3.02 -30.84 -11.37
N GLY A 455 -2.32 -31.92 -10.98
CA GLY A 455 -0.89 -32.08 -11.31
C GLY A 455 -0.39 -33.50 -11.13
N GLY A 458 5.13 -33.99 -12.68
CA GLY A 458 5.73 -33.00 -11.76
C GLY A 458 5.29 -31.57 -12.07
N GLN A 459 4.21 -31.40 -12.85
CA GLN A 459 3.64 -30.10 -13.26
C GLN A 459 2.20 -29.97 -12.75
N PHE A 460 1.64 -28.78 -12.91
CA PHE A 460 0.28 -28.43 -12.44
C PHE A 460 -0.35 -27.63 -13.55
N VAL A 461 -1.66 -27.73 -13.69
CA VAL A 461 -2.39 -26.95 -14.73
C VAL A 461 -3.46 -26.16 -13.99
N LEU A 462 -3.47 -24.85 -14.19
CA LEU A 462 -4.42 -23.93 -13.51
C LEU A 462 -5.16 -23.14 -14.56
N HIS A 463 -6.48 -23.23 -14.55
CA HIS A 463 -7.32 -22.36 -15.40
C HIS A 463 -7.61 -21.10 -14.58
N MET A 464 -7.69 -19.97 -15.25
CA MET A 464 -8.17 -18.70 -14.63
C MET A 464 -9.08 -18.01 -15.61
N ARG A 465 -10.24 -17.56 -15.14
CA ARG A 465 -11.11 -16.71 -15.99
C ARG A 465 -10.41 -15.39 -16.27
N LYS A 466 -10.77 -14.78 -17.40
CA LYS A 466 -10.53 -13.35 -17.66
C LYS A 466 -10.84 -12.55 -16.38
N ALA A 467 -10.01 -11.54 -16.11
CA ALA A 467 -10.21 -10.58 -15.00
C ALA A 467 -10.47 -11.35 -13.70
N SER A 468 -9.46 -12.11 -13.27
CA SER A 468 -9.51 -12.86 -12.01
C SER A 468 -8.10 -12.96 -11.41
N GLY A 469 -8.00 -13.40 -10.17
CA GLY A 469 -6.74 -13.59 -9.45
C GLY A 469 -6.76 -14.93 -8.74
N ALA A 470 -5.61 -15.41 -8.36
CA ALA A 470 -5.45 -16.75 -7.75
C ALA A 470 -4.24 -16.74 -6.85
N LEU A 471 -4.38 -17.37 -5.70
CA LEU A 471 -3.26 -17.68 -4.81
C LEU A 471 -3.14 -19.18 -4.70
N LEU A 472 -1.99 -19.71 -5.10
CA LEU A 472 -1.69 -21.15 -5.02
C LEU A 472 -0.77 -21.39 -3.86
N GLU A 473 -1.00 -22.49 -3.14
CA GLU A 473 -0.17 -22.91 -2.00
C GLU A 473 0.11 -24.39 -2.18
N PHE A 474 1.38 -24.76 -2.12
CA PHE A 474 1.86 -26.14 -2.34
C PHE A 474 2.32 -26.70 -1.00
N ALA A 475 1.89 -27.91 -0.67
N ALA A 475 1.57 -29.52 -0.62
CA ALA A 475 2.34 -28.68 0.52
CA ALA A 475 2.26 -29.28 0.68
C ALA A 475 3.84 -28.97 0.38
C ALA A 475 3.76 -29.06 0.43
C3 8I4 B . -4.24 13.09 -0.40
C5 8I4 B . -4.72 12.13 -2.67
C6 8I4 B . -5.63 12.25 -3.81
O3 8I4 B . -4.61 13.97 0.68
O4 8I4 B . -6.52 12.79 -1.20
C1 8I4 B . -2.51 12.26 -1.81
C2 8I4 B . -2.81 13.36 -0.84
C4 8I4 B . -5.20 13.15 -1.61
C7 8I4 B . -3.23 12.32 -3.06
O2 8I4 B . -1.98 13.37 0.32
O6B 8I4 B . -6.60 11.39 -3.91
O6A 8I4 B . -5.48 13.16 -4.65
O7 8I4 B . -3.10 13.57 -3.71
C1 NDG B . -7.36 13.76 -0.58
C2 NDG B . -8.78 13.18 -0.53
C3 NDG B . -9.40 13.15 -1.90
C4 NDG B . -9.35 14.53 -2.50
C5 NDG B . -7.86 14.93 -2.59
C6 NDG B . -7.67 16.27 -3.31
C7 NDG B . -9.21 11.52 1.23
C8 NDG B . -9.04 10.10 1.64
O5 NDG B . -7.38 15.00 -1.28
O3 NDG B . -10.77 12.73 -1.77
O4 NDG B . -9.95 14.47 -3.79
O6 NDG B . -8.42 17.24 -2.57
O7 NDG B . -9.76 12.35 1.95
N2 NDG B . -8.73 11.83 0.02
#